data_4PBH
#
_entry.id   4PBH
#
_cell.length_a   62.591
_cell.length_b   62.929
_cell.length_c   75.740
_cell.angle_alpha   90.000
_cell.angle_beta   90.000
_cell.angle_gamma   90.000
#
_symmetry.space_group_name_H-M   'P 21 21 21'
#
loop_
_entity.id
_entity.type
_entity.pdbx_description
1 polymer 'TRAP dicarboxylate transporter, DctP subunit, putative'
2 non-polymer 'BENZOIC ACID'
3 water water
#
_entity_poly.entity_id   1
_entity_poly.type   'polypeptide(L)'
_entity_poly.pdbx_seq_one_letter_code
;(MSE)TISFKGLARGVACAALVLAALPAAAKEFRLGLITPSPHTWTKAAEAFGAELSEKSGGAHSVSVFPARQLGNEAQ
(MSE)LQQLQTGALD(MSE)AF(MSE)TVAEVSNRVPN(MSE)GAFYAPYLAGDINHAAAILRSDTARG(MSE)LAVLPQ
EAGVVGVGFGSAG(MSE)RQILSRGAVNSAADLSGLKLRITPFDPILDFYNALGAAPTP(MSE)PLPAVYDALANGQVDA
ID(MSE)DVELINVLKCHEHADTILISNH(MSE)(MSE)FP(MSE)VGLISARVYAG(MSE)SDADKA(MSE)ISEL
(MSE)AKHVDSTLDVY(MSE)VKEPEWTDALTKVGKTFKRVDQSFFGDAIAQWETIWADKAPSLPELRKTAADLQAENLY
FQ
;
_entity_poly.pdbx_strand_id   A
#
loop_
_chem_comp.id
_chem_comp.type
_chem_comp.name
_chem_comp.formula
BEZ non-polymer 'BENZOIC ACID' 'C7 H6 O2'
#
# COMPACT_ATOMS: atom_id res chain seq x y z
N LYS A 27 -8.15 -6.10 27.80
CA LYS A 27 -9.12 -5.64 26.82
C LYS A 27 -9.02 -6.51 25.57
N GLU A 28 -10.17 -6.78 24.95
CA GLU A 28 -10.20 -7.47 23.67
C GLU A 28 -10.25 -6.44 22.56
N PHE A 29 -9.12 -6.19 21.94
CA PHE A 29 -9.06 -5.23 20.85
C PHE A 29 -9.51 -5.90 19.55
N ARG A 30 -10.08 -5.13 18.64
CA ARG A 30 -10.36 -5.58 17.29
C ARG A 30 -9.42 -4.88 16.32
N LEU A 31 -8.90 -5.62 15.36
CA LEU A 31 -8.00 -5.10 14.37
C LEU A 31 -8.50 -5.49 12.99
N GLY A 32 -8.80 -4.49 12.16
CA GLY A 32 -9.32 -4.73 10.81
C GLY A 32 -8.30 -4.58 9.71
N LEU A 33 -8.51 -5.34 8.64
CA LEU A 33 -7.77 -5.21 7.38
C LEU A 33 -8.71 -5.46 6.22
N ILE A 34 -8.30 -5.00 5.04
CA ILE A 34 -9.00 -5.36 3.82
C ILE A 34 -8.38 -6.51 3.08
N THR A 35 -7.22 -6.98 3.51
CA THR A 35 -6.49 -7.99 2.80
C THR A 35 -7.05 -9.39 3.06
N PRO A 36 -6.92 -10.29 2.08
CA PRO A 36 -7.41 -11.65 2.30
C PRO A 36 -6.55 -12.41 3.30
N SER A 37 -7.03 -13.56 3.72
CA SER A 37 -6.35 -14.34 4.75
C SER A 37 -4.93 -14.79 4.42
N PRO A 38 -4.63 -15.13 3.16
CA PRO A 38 -3.22 -15.51 2.88
C PRO A 38 -2.24 -14.35 2.80
N HIS A 39 -2.74 -13.13 2.87
CA HIS A 39 -1.90 -11.98 2.64
C HIS A 39 -0.89 -11.77 3.76
N THR A 40 0.28 -11.28 3.39
CA THR A 40 1.33 -10.93 4.33
C THR A 40 0.81 -10.09 5.50
N TRP A 41 0.03 -9.07 5.21
CA TRP A 41 -0.47 -8.22 6.28
C TRP A 41 -1.33 -8.94 7.28
N THR A 42 -2.19 -9.82 6.79
CA THR A 42 -3.08 -10.56 7.66
C THR A 42 -2.27 -11.45 8.58
N LYS A 43 -1.28 -12.12 8.03
CA LYS A 43 -0.40 -12.96 8.82
C LYS A 43 0.34 -12.12 9.89
N ALA A 44 0.81 -10.95 9.52
CA ALA A 44 1.50 -10.09 10.48
C ALA A 44 0.56 -9.64 11.59
N ALA A 45 -0.69 -9.37 11.24
CA ALA A 45 -1.67 -8.96 12.25
C ALA A 45 -1.96 -10.11 13.23
N GLU A 46 -2.04 -11.32 12.73
CA GLU A 46 -2.25 -12.47 13.59
C GLU A 46 -1.04 -12.66 14.50
N ALA A 47 0.16 -12.50 13.96
CA ALA A 47 1.36 -12.66 14.75
C ALA A 47 1.42 -11.58 15.85
N PHE A 48 1.08 -10.36 15.49
CA PHE A 48 0.97 -9.28 16.47
C PHE A 48 -0.01 -9.64 17.59
N GLY A 49 -1.18 -10.14 17.21
CA GLY A 49 -2.19 -10.48 18.20
C GLY A 49 -1.72 -11.57 19.15
N ALA A 50 -1.05 -12.57 18.61
CA ALA A 50 -0.54 -13.64 19.45
C ALA A 50 0.50 -13.11 20.42
N GLU A 51 1.39 -12.26 19.94
CA GLU A 51 2.44 -11.76 20.80
C GLU A 51 1.87 -10.80 21.85
N LEU A 52 0.85 -10.03 21.51
CA LEU A 52 0.27 -9.13 22.51
C LEU A 52 -0.39 -9.94 23.63
N SER A 53 -1.07 -11.02 23.27
CA SER A 53 -1.66 -11.90 24.25
C SER A 53 -0.58 -12.43 25.20
N GLU A 54 0.55 -12.86 24.64
CA GLU A 54 1.62 -13.43 25.44
C GLU A 54 2.30 -12.36 26.31
N LYS A 55 2.67 -11.25 25.69
CA LYS A 55 3.41 -10.23 26.42
C LYS A 55 2.58 -9.60 27.52
N SER A 56 1.27 -9.56 27.33
CA SER A 56 0.38 -8.99 28.34
C SER A 56 -0.05 -9.99 29.40
N GLY A 57 0.46 -11.21 29.35
CA GLY A 57 0.05 -12.24 30.28
C GLY A 57 -1.43 -12.56 30.19
N GLY A 58 -2.02 -12.37 29.02
CA GLY A 58 -3.43 -12.65 28.82
C GLY A 58 -4.37 -11.54 29.22
N ALA A 59 -3.81 -10.40 29.63
CA ALA A 59 -4.64 -9.26 29.99
C ALA A 59 -5.35 -8.66 28.78
N HIS A 60 -4.68 -8.73 27.62
CA HIS A 60 -5.21 -8.20 26.38
C HIS A 60 -5.24 -9.29 25.31
N SER A 61 -6.12 -9.12 24.34
CA SER A 61 -6.09 -9.96 23.15
C SER A 61 -6.46 -9.10 21.96
N VAL A 62 -6.24 -9.67 20.79
CA VAL A 62 -6.60 -9.02 19.54
C VAL A 62 -7.40 -9.99 18.70
N SER A 63 -8.57 -9.58 18.26
CA SER A 63 -9.35 -10.33 17.30
C SER A 63 -9.15 -9.66 15.95
N VAL A 64 -8.63 -10.42 15.01
CA VAL A 64 -8.28 -9.91 13.69
C VAL A 64 -9.44 -10.17 12.74
N PHE A 65 -9.80 -9.13 11.99
CA PHE A 65 -10.90 -9.18 11.03
C PHE A 65 -10.35 -8.78 9.68
N PRO A 66 -9.87 -9.76 8.91
CA PRO A 66 -9.35 -9.47 7.58
C PRO A 66 -10.47 -9.37 6.55
N ALA A 67 -10.07 -9.20 5.30
CA ALA A 67 -10.96 -9.39 4.16
C ALA A 67 -12.17 -8.47 4.19
N ARG A 68 -12.03 -7.27 4.72
CA ARG A 68 -13.09 -6.26 4.72
C ARG A 68 -14.29 -6.64 5.58
N GLN A 69 -14.12 -7.58 6.50
CA GLN A 69 -15.24 -8.01 7.31
C GLN A 69 -15.91 -6.85 8.03
N LEU A 70 -15.15 -5.86 8.47
CA LEU A 70 -15.72 -4.77 9.26
C LEU A 70 -16.11 -3.55 8.42
N GLY A 71 -15.99 -3.65 7.10
CA GLY A 71 -16.32 -2.54 6.22
C GLY A 71 -15.17 -2.28 5.28
N ASN A 72 -15.36 -1.31 4.40
CA ASN A 72 -14.28 -0.91 3.54
C ASN A 72 -13.30 -0.05 4.33
N GLU A 73 -12.17 0.29 3.72
CA GLU A 73 -11.13 0.96 4.46
C GLU A 73 -11.55 2.35 4.94
N ALA A 74 -12.33 3.06 4.13
CA ALA A 74 -12.82 4.35 4.55
C ALA A 74 -13.70 4.23 5.79
N GLN A 75 -14.57 3.22 5.80
CA GLN A 75 -15.42 2.97 6.96
C GLN A 75 -14.59 2.60 8.18
N MSE A 76 -13.57 1.80 7.98
CA MSE A 76 -12.71 1.43 9.09
C MSE A 76 -12.03 2.65 9.66
O MSE A 76 -11.88 2.76 10.87
CB MSE A 76 -11.70 0.36 8.68
CG MSE A 76 -12.37 -1.01 8.60
SE MSE A 76 -11.18 -2.48 8.61
CE MSE A 76 -11.16 -2.18 7.01
H MSE A 76 -13.34 1.45 7.24
HA MSE A 76 -13.28 1.04 9.79
HB2 MSE A 76 -11.35 0.58 7.81
HB3 MSE A 76 -11.00 0.32 9.34
HG2 MSE A 76 -12.97 -1.11 9.35
HG3 MSE A 76 -12.88 -1.07 7.77
HE1 MSE A 76 -10.58 -2.81 6.59
HE2 MSE A 76 -12.05 -2.27 6.66
HE3 MSE A 76 -10.85 -1.29 6.86
N LEU A 77 -11.55 3.55 8.80
CA LEU A 77 -10.89 4.74 9.30
C LEU A 77 -11.87 5.62 10.07
N GLN A 78 -13.11 5.72 9.62
CA GLN A 78 -14.13 6.47 10.37
C GLN A 78 -14.31 5.89 11.75
N GLN A 79 -14.30 4.57 11.87
CA GLN A 79 -14.48 3.98 13.17
C GLN A 79 -13.25 3.91 14.02
N LEU A 80 -12.07 3.95 13.43
CA LEU A 80 -10.87 4.23 14.23
C LEU A 80 -10.98 5.64 14.81
N GLN A 81 -11.51 6.57 14.03
CA GLN A 81 -11.59 7.94 14.51
C GLN A 81 -12.52 8.04 15.71
N THR A 82 -13.65 7.34 15.67
CA THR A 82 -14.56 7.40 16.81
C THR A 82 -14.11 6.52 17.96
N GLY A 83 -13.34 5.47 17.67
CA GLY A 83 -12.96 4.50 18.69
C GLY A 83 -13.82 3.28 18.68
N ALA A 84 -14.79 3.18 17.78
CA ALA A 84 -15.58 1.96 17.64
C ALA A 84 -14.72 0.80 17.13
N LEU A 85 -13.66 1.11 16.38
CA LEU A 85 -12.66 0.13 15.97
C LEU A 85 -11.34 0.48 16.64
N ASP A 86 -10.66 -0.48 17.24
CA ASP A 86 -9.45 -0.19 17.98
C ASP A 86 -8.22 0.01 17.12
N MSE A 87 -8.06 -0.86 16.13
CA MSE A 87 -6.78 -0.97 15.41
C MSE A 87 -7.01 -1.37 13.96
O MSE A 87 -8.04 -1.97 13.61
CB MSE A 87 -5.91 -2.05 16.06
CG MSE A 87 -5.51 -1.76 17.49
SE MSE A 87 -4.80 -3.37 18.34
CE MSE A 87 -4.24 -2.53 19.99
H MSE A 87 -8.66 -1.41 15.85
HA MSE A 87 -6.32 -0.12 15.46
HB2 MSE A 87 -6.41 -2.89 16.06
HB3 MSE A 87 -5.11 -2.16 15.54
HG2 MSE A 87 -4.81 -1.09 17.49
HG3 MSE A 87 -6.28 -1.47 18.00
HE1 MSE A 87 -3.84 -3.21 20.56
HE2 MSE A 87 -3.59 -1.86 19.80
HE3 MSE A 87 -5.00 -2.16 20.42
N ALA A 88 -6.01 -1.09 13.12
CA ALA A 88 -6.04 -1.58 11.76
C ALA A 88 -4.62 -1.63 11.22
N PHE A 89 -4.40 -2.53 10.28
CA PHE A 89 -3.23 -2.46 9.39
C PHE A 89 -3.80 -1.96 8.08
N MSE A 90 -3.57 -0.68 7.78
CA MSE A 90 -4.33 0.03 6.76
C MSE A 90 -3.43 0.49 5.63
O MSE A 90 -2.27 0.87 5.87
CB MSE A 90 -5.03 1.24 7.39
CG MSE A 90 -5.95 1.97 6.42
SE MSE A 90 -7.12 3.27 7.19
CE MSE A 90 -8.33 2.03 8.06
H MSE A 90 -2.97 -0.20 8.16
HA MSE A 90 -5.02 -0.57 6.39
HB2 MSE A 90 -5.56 0.93 8.14
HB3 MSE A 90 -4.36 1.87 7.69
HG2 MSE A 90 -5.40 2.43 5.76
HG3 MSE A 90 -6.50 1.31 5.97
HE1 MSE A 90 -9.01 2.54 8.51
HE2 MSE A 90 -8.73 1.47 7.39
HE3 MSE A 90 -7.84 1.51 8.69
N THR A 91 -3.94 0.52 4.42
CA THR A 91 -3.18 1.16 3.36
C THR A 91 -2.96 2.63 3.70
N VAL A 92 -1.76 3.13 3.40
CA VAL A 92 -1.56 4.56 3.46
C VAL A 92 -2.39 5.22 2.35
N ALA A 93 -2.80 4.45 1.34
CA ALA A 93 -3.65 4.96 0.29
C ALA A 93 -4.95 5.52 0.87
N GLU A 94 -5.63 4.75 1.69
CA GLU A 94 -6.85 5.25 2.29
C GLU A 94 -6.55 6.45 3.19
N VAL A 95 -5.49 6.38 3.97
CA VAL A 95 -5.17 7.49 4.85
C VAL A 95 -4.95 8.76 4.04
N SER A 96 -4.40 8.66 2.83
CA SER A 96 -4.16 9.84 2.00
C SER A 96 -5.45 10.53 1.58
N ASN A 97 -6.57 9.81 1.56
CA ASN A 97 -7.85 10.45 1.30
C ASN A 97 -8.22 11.44 2.41
N ARG A 98 -7.81 11.14 3.64
CA ARG A 98 -8.03 11.98 4.82
C ARG A 98 -6.91 12.99 5.02
N VAL A 99 -5.68 12.60 4.69
CA VAL A 99 -4.47 13.36 4.98
C VAL A 99 -3.65 13.44 3.69
N PRO A 100 -3.92 14.45 2.86
CA PRO A 100 -3.32 14.42 1.51
C PRO A 100 -1.80 14.46 1.47
N ASN A 101 -1.13 14.93 2.51
CA ASN A 101 0.32 14.90 2.51
C ASN A 101 0.87 13.48 2.40
N MSE A 102 0.11 12.47 2.80
CA MSE A 102 0.53 11.09 2.61
C MSE A 102 0.69 10.75 1.14
O MSE A 102 1.35 9.78 0.77
CB MSE A 102 -0.47 10.13 3.23
CG MSE A 102 -0.63 10.27 4.73
SE MSE A 102 0.91 9.72 5.72
CE MSE A 102 1.33 11.46 6.38
H MSE A 102 -0.66 12.55 3.18
HA MSE A 102 1.39 10.96 3.06
HB2 MSE A 102 -1.34 10.30 2.82
HB3 MSE A 102 -0.19 9.23 3.05
HG2 MSE A 102 -0.81 11.20 4.95
HG3 MSE A 102 -1.39 9.73 5.02
HE1 MSE A 102 2.12 11.40 6.92
HE2 MSE A 102 1.49 12.04 5.63
HE3 MSE A 102 0.59 11.78 6.89
N GLY A 103 0.09 11.56 0.25
CA GLY A 103 0.28 11.41 -1.18
C GLY A 103 1.72 11.47 -1.62
N ALA A 104 2.58 12.11 -0.83
CA ALA A 104 3.99 12.25 -1.20
C ALA A 104 4.65 10.89 -1.44
N PHE A 105 4.25 9.85 -0.72
CA PHE A 105 4.89 8.55 -0.88
C PHE A 105 4.67 7.95 -2.26
N TYR A 106 3.69 8.46 -2.98
CA TYR A 106 3.25 7.85 -4.22
C TYR A 106 3.83 8.51 -5.45
N ALA A 107 4.78 9.42 -5.28
CA ALA A 107 5.44 10.01 -6.43
C ALA A 107 5.99 8.88 -7.29
N PRO A 108 5.68 8.86 -8.59
CA PRO A 108 6.16 7.73 -9.39
C PRO A 108 7.67 7.63 -9.38
N TYR A 109 8.18 6.42 -9.18
CA TYR A 109 9.61 6.14 -9.21
C TYR A 109 10.38 6.87 -8.12
N LEU A 110 9.72 7.27 -7.04
CA LEU A 110 10.41 7.75 -5.86
C LEU A 110 11.39 6.69 -5.37
N ALA A 111 10.93 5.45 -5.31
CA ALA A 111 11.77 4.29 -4.98
C ALA A 111 12.10 3.53 -6.24
N GLY A 112 13.34 3.08 -6.33
CA GLY A 112 13.81 2.36 -7.49
C GLY A 112 13.50 0.88 -7.42
N ASP A 113 13.11 0.39 -6.23
CA ASP A 113 12.75 -1.02 -6.02
C ASP A 113 12.26 -1.13 -4.58
N ILE A 114 11.85 -2.34 -4.19
CA ILE A 114 11.24 -2.56 -2.90
C ILE A 114 12.23 -2.32 -1.74
N ASN A 115 13.51 -2.60 -1.97
CA ASN A 115 14.50 -2.38 -0.92
C ASN A 115 14.71 -0.89 -0.66
N HIS A 116 14.75 -0.11 -1.72
CA HIS A 116 14.81 1.34 -1.59
C HIS A 116 13.56 1.86 -0.87
N ALA A 117 12.40 1.35 -1.26
CA ALA A 117 11.15 1.75 -0.62
C ALA A 117 11.16 1.50 0.87
N ALA A 118 11.60 0.32 1.29
CA ALA A 118 11.65 0.00 2.71
C ALA A 118 12.55 1.01 3.44
N ALA A 119 13.70 1.37 2.85
CA ALA A 119 14.60 2.32 3.49
C ALA A 119 13.92 3.69 3.57
N ILE A 120 13.20 4.10 2.54
CA ILE A 120 12.47 5.36 2.61
C ILE A 120 11.44 5.35 3.75
N LEU A 121 10.73 4.24 3.88
CA LEU A 121 9.66 4.14 4.86
C LEU A 121 10.16 4.07 6.29
N ARG A 122 11.42 3.70 6.46
CA ARG A 122 12.05 3.67 7.78
C ARG A 122 12.77 4.97 8.12
N SER A 123 12.83 5.92 7.19
CA SER A 123 13.58 7.16 7.38
C SER A 123 12.94 8.08 8.39
N ASP A 124 13.76 8.97 8.94
CA ASP A 124 13.24 10.00 9.83
C ASP A 124 12.23 10.89 9.12
N THR A 125 12.44 11.17 7.84
CA THR A 125 11.49 12.00 7.11
C THR A 125 10.12 11.34 7.09
N ALA A 126 10.09 10.06 6.74
CA ALA A 126 8.83 9.35 6.68
C ALA A 126 8.20 9.27 8.07
N ARG A 127 8.97 8.90 9.07
CA ARG A 127 8.42 8.74 10.39
C ARG A 127 7.88 10.06 10.92
N GLY A 128 8.53 11.18 10.59
CA GLY A 128 8.04 12.49 11.02
C GLY A 128 6.63 12.80 10.50
N MSE A 129 6.29 12.27 9.35
CA MSE A 129 5.00 12.52 8.74
C MSE A 129 3.85 11.89 9.52
O MSE A 129 2.71 12.32 9.39
CB MSE A 129 4.99 12.01 7.30
CG MSE A 129 5.91 12.81 6.41
SE MSE A 129 6.34 12.01 4.70
CE MSE A 129 4.57 11.94 3.94
H MSE A 129 6.79 11.76 8.88
HA MSE A 129 4.84 13.49 8.72
HB2 MSE A 129 5.28 11.09 7.29
HB3 MSE A 129 4.09 12.09 6.94
HG2 MSE A 129 5.49 13.67 6.23
HG3 MSE A 129 6.75 12.94 6.88
HE1 MSE A 129 4.61 11.55 3.06
HE2 MSE A 129 4.00 11.40 4.51
HE3 MSE A 129 4.22 12.83 3.88
N LEU A 130 4.16 10.92 10.37
CA LEU A 130 3.14 10.28 11.22
C LEU A 130 2.59 11.21 12.30
N ALA A 131 3.34 12.25 12.66
CA ALA A 131 2.97 13.05 13.82
C ALA A 131 1.63 13.74 13.68
N VAL A 132 1.19 14.00 12.44
CA VAL A 132 -0.06 14.72 12.23
C VAL A 132 -1.30 13.84 12.41
N LEU A 133 -1.12 12.53 12.49
CA LEU A 133 -2.27 11.65 12.40
C LEU A 133 -3.26 11.75 13.54
N PRO A 134 -2.79 11.94 14.79
CA PRO A 134 -3.83 12.05 15.83
C PRO A 134 -4.80 13.19 15.60
N GLN A 135 -4.32 14.37 15.23
N GLN A 135 -4.28 14.36 15.24
CA GLN A 135 -5.23 15.48 15.00
CA GLN A 135 -5.10 15.53 14.98
C GLN A 135 -5.95 15.34 13.68
C GLN A 135 -5.91 15.37 13.70
N GLU A 136 -5.23 15.01 12.62
CA GLU A 136 -5.83 15.06 11.30
C GLU A 136 -6.71 13.87 10.96
N ALA A 137 -6.48 12.74 11.63
CA ALA A 137 -7.22 11.52 11.32
C ALA A 137 -7.71 10.76 12.56
N GLY A 138 -7.41 11.24 13.76
CA GLY A 138 -7.89 10.58 14.97
C GLY A 138 -7.25 9.23 15.23
N VAL A 139 -6.05 9.03 14.72
CA VAL A 139 -5.33 7.78 14.89
C VAL A 139 -3.87 8.04 15.23
N VAL A 140 -3.29 7.09 15.95
CA VAL A 140 -1.87 7.03 16.18
C VAL A 140 -1.28 6.04 15.17
N GLY A 141 -0.35 6.51 14.35
CA GLY A 141 0.34 5.66 13.41
C GLY A 141 1.66 5.25 14.00
N VAL A 142 1.87 3.95 14.23
CA VAL A 142 3.02 3.48 14.96
C VAL A 142 4.26 3.33 14.12
N GLY A 143 4.10 3.26 12.81
CA GLY A 143 5.21 3.00 11.91
C GLY A 143 4.64 2.51 10.58
N PHE A 144 5.53 2.42 9.59
CA PHE A 144 5.15 2.00 8.25
C PHE A 144 5.58 0.58 7.92
N GLY A 145 4.71 -0.12 7.23
CA GLY A 145 5.07 -1.32 6.48
C GLY A 145 4.80 -1.04 5.02
N SER A 146 4.66 -2.09 4.23
N SER A 146 4.62 -2.09 4.24
CA SER A 146 4.29 -1.91 2.83
CA SER A 146 4.38 -1.93 2.81
C SER A 146 3.63 -3.16 2.30
C SER A 146 3.75 -3.18 2.25
N ALA A 147 3.10 -3.04 1.10
CA ALA A 147 2.90 -4.19 0.24
C ALA A 147 3.90 -4.06 -0.92
N GLY A 148 3.61 -4.67 -2.06
CA GLY A 148 4.56 -4.64 -3.16
C GLY A 148 4.50 -3.37 -3.98
N MSE A 149 5.46 -3.24 -4.88
CA MSE A 149 5.44 -2.13 -5.83
C MSE A 149 4.24 -2.32 -6.77
O MSE A 149 3.77 -3.43 -7.01
CB MSE A 149 6.72 -2.11 -6.65
CG MSE A 149 8.02 -2.14 -5.83
SE MSE A 149 8.22 -0.64 -4.63
CE MSE A 149 8.42 0.78 -5.94
H MSE A 149 6.13 -3.77 -4.96
HA MSE A 149 5.36 -1.29 -5.34
HB2 MSE A 149 6.74 -2.88 -7.24
HB3 MSE A 149 6.73 -1.30 -7.18
HG2 MSE A 149 8.03 -2.94 -5.30
HG3 MSE A 149 8.77 -2.13 -6.44
HE1 MSE A 149 8.53 1.62 -5.48
HE2 MSE A 149 9.19 0.58 -6.48
HE3 MSE A 149 7.63 0.80 -6.48
N ARG A 150 3.73 -1.24 -7.33
CA ARG A 150 2.63 -1.35 -8.26
C ARG A 150 3.08 -1.78 -9.65
N GLN A 151 2.24 -2.62 -10.25
CA GLN A 151 2.43 -3.18 -11.58
C GLN A 151 1.14 -3.00 -12.39
N ILE A 152 1.18 -3.36 -13.67
CA ILE A 152 0.01 -3.28 -14.54
C ILE A 152 -0.22 -4.63 -15.22
N LEU A 153 -1.48 -5.06 -15.23
CA LEU A 153 -1.90 -6.24 -15.98
C LEU A 153 -2.94 -5.80 -16.96
N SER A 154 -2.91 -6.29 -18.19
CA SER A 154 -3.90 -5.89 -19.17
C SER A 154 -4.42 -7.09 -19.96
N ARG A 155 -5.69 -7.02 -20.35
CA ARG A 155 -6.31 -8.03 -21.19
C ARG A 155 -5.89 -7.93 -22.63
N GLY A 156 -5.17 -6.87 -22.98
CA GLY A 156 -4.69 -6.77 -24.36
C GLY A 156 -3.17 -6.61 -24.42
N ALA A 157 -2.62 -6.53 -25.63
CA ALA A 157 -1.21 -6.20 -25.79
C ALA A 157 -0.91 -4.79 -25.29
N VAL A 158 0.25 -4.61 -24.71
CA VAL A 158 0.70 -3.28 -24.30
C VAL A 158 2.15 -3.14 -24.70
N ASN A 159 2.38 -2.36 -25.74
CA ASN A 159 3.71 -2.15 -26.28
C ASN A 159 4.25 -0.76 -25.99
N SER A 160 3.35 0.16 -25.66
CA SER A 160 3.73 1.52 -25.29
C SER A 160 2.63 2.08 -24.42
N ALA A 161 2.91 3.21 -23.80
CA ALA A 161 1.92 3.85 -22.95
C ALA A 161 0.65 4.21 -23.71
N ALA A 162 0.75 4.46 -25.00
CA ALA A 162 -0.43 4.80 -25.79
C ALA A 162 -1.46 3.67 -25.77
N ASP A 163 -1.02 2.44 -25.60
CA ASP A 163 -1.93 1.30 -25.54
C ASP A 163 -2.81 1.32 -24.30
N LEU A 164 -2.44 2.11 -23.29
CA LEU A 164 -3.26 2.27 -22.09
C LEU A 164 -4.40 3.27 -22.28
N SER A 165 -4.37 4.05 -23.36
CA SER A 165 -5.35 5.10 -23.54
C SER A 165 -6.75 4.56 -23.61
N GLY A 166 -7.63 5.10 -22.80
CA GLY A 166 -9.04 4.70 -22.79
C GLY A 166 -9.31 3.35 -22.16
N LEU A 167 -8.30 2.68 -21.63
CA LEU A 167 -8.55 1.39 -20.98
C LEU A 167 -9.19 1.57 -19.64
N LYS A 168 -10.30 0.88 -19.40
CA LYS A 168 -10.88 0.84 -18.08
C LYS A 168 -9.93 0.06 -17.18
N LEU A 169 -9.39 0.73 -16.20
CA LEU A 169 -8.20 0.21 -15.50
C LEU A 169 -8.46 0.27 -14.00
N ARG A 170 -8.56 -0.89 -13.35
CA ARG A 170 -8.84 -0.93 -11.92
C ARG A 170 -7.76 -0.26 -11.11
N ILE A 171 -8.19 0.59 -10.17
CA ILE A 171 -7.30 1.18 -9.19
C ILE A 171 -7.84 1.02 -7.78
N THR A 172 -6.90 1.05 -6.83
CA THR A 172 -7.21 1.32 -5.44
C THR A 172 -7.91 2.67 -5.36
N PRO A 173 -8.94 2.82 -4.50
CA PRO A 173 -9.64 4.11 -4.48
C PRO A 173 -8.87 5.21 -3.70
N PHE A 174 -7.92 5.85 -4.36
CA PHE A 174 -7.21 6.99 -3.80
C PHE A 174 -6.68 7.86 -4.92
N ASP A 175 -6.44 9.12 -4.63
CA ASP A 175 -6.17 10.08 -5.67
C ASP A 175 -4.79 10.00 -6.33
N PRO A 176 -3.71 9.71 -5.60
CA PRO A 176 -2.41 9.65 -6.30
C PRO A 176 -2.42 8.74 -7.53
N ILE A 177 -3.05 7.56 -7.44
CA ILE A 177 -3.01 6.64 -8.55
C ILE A 177 -4.02 7.03 -9.62
N LEU A 178 -5.16 7.57 -9.21
CA LEU A 178 -6.13 8.13 -10.15
C LEU A 178 -5.45 9.19 -11.03
N ASP A 179 -4.66 10.06 -10.40
CA ASP A 179 -4.01 11.15 -11.12
C ASP A 179 -2.98 10.62 -12.09
N PHE A 180 -2.21 9.61 -11.69
CA PHE A 180 -1.23 8.99 -12.57
C PHE A 180 -1.90 8.45 -13.82
N TYR A 181 -2.96 7.66 -13.68
CA TYR A 181 -3.63 7.08 -14.83
C TYR A 181 -4.39 8.11 -15.63
N ASN A 182 -4.91 9.16 -14.98
CA ASN A 182 -5.53 10.24 -15.74
C ASN A 182 -4.50 10.97 -16.61
N ALA A 183 -3.30 11.17 -16.09
CA ALA A 183 -2.24 11.80 -16.86
C ALA A 183 -1.83 10.91 -18.03
N LEU A 184 -1.92 9.59 -17.88
CA LEU A 184 -1.63 8.66 -18.96
C LEU A 184 -2.75 8.52 -19.96
N GLY A 185 -3.93 9.00 -19.62
CA GLY A 185 -5.08 8.90 -20.49
C GLY A 185 -5.81 7.57 -20.41
N ALA A 186 -5.52 6.75 -19.42
CA ALA A 186 -6.33 5.56 -19.19
C ALA A 186 -7.68 5.99 -18.64
N ALA A 187 -8.54 5.02 -18.32
CA ALA A 187 -9.85 5.31 -17.72
C ALA A 187 -9.88 4.60 -16.35
N PRO A 188 -9.19 5.18 -15.37
CA PRO A 188 -9.10 4.51 -14.07
C PRO A 188 -10.45 4.36 -13.42
N THR A 189 -10.62 3.22 -12.76
CA THR A 189 -11.89 2.81 -12.18
C THR A 189 -11.62 2.24 -10.79
N PRO A 190 -12.06 2.94 -9.75
CA PRO A 190 -11.79 2.43 -8.39
C PRO A 190 -12.60 1.19 -8.11
N MSE A 191 -11.95 0.18 -7.52
N MSE A 191 -11.94 0.19 -7.54
CA MSE A 191 -12.62 -1.09 -7.26
CA MSE A 191 -12.61 -1.05 -7.17
C MSE A 191 -11.90 -1.89 -6.17
C MSE A 191 -11.88 -1.69 -6.03
O MSE A 191 -10.69 -2.12 -6.29
O MSE A 191 -10.64 -1.66 -5.99
CB MSE A 191 -12.63 -1.91 -8.55
CB MSE A 191 -12.58 -2.05 -8.30
CG MSE A 191 -13.31 -3.26 -8.46
CG MSE A 191 -13.25 -1.62 -9.53
SE MSE A 191 -13.16 -4.15 -10.16
SE MSE A 191 -13.14 -3.07 -10.76
CE MSE A 191 -13.55 -2.59 -11.28
CE MSE A 191 -13.42 -4.61 -9.66
H MSE A 191 -11.14 0.22 -7.26
H MSE A 191 -11.10 0.20 -7.36
HA MSE A 191 -13.54 -0.94 -6.99
HA MSE A 191 -13.54 -0.86 -6.92
HB2 MSE A 191 -13.08 -1.40 -9.23
HB2 MSE A 191 -11.66 -2.23 -8.53
HB3 MSE A 191 -11.70 -2.08 -8.81
HB3 MSE A 191 -13.02 -2.86 -8.00
HG2 MSE A 191 -12.88 -3.81 -7.79
HG2 MSE A 191 -14.19 -1.43 -9.35
HG3 MSE A 191 -14.26 -3.15 -8.26
HG3 MSE A 191 -12.81 -0.84 -9.91
HE1 MSE A 191 -13.52 -2.85 -12.21
HE1 MSE A 191 -13.37 -5.40 -10.20
HE2 MSE A 191 -14.43 -2.26 -11.06
HE2 MSE A 191 -12.74 -4.64 -8.98
HE3 MSE A 191 -12.90 -1.91 -11.11
HE3 MSE A 191 -14.29 -4.54 -9.25
N PRO A 192 -12.63 -2.33 -5.13
CA PRO A 192 -11.98 -3.08 -4.07
C PRO A 192 -11.54 -4.47 -4.54
N LEU A 193 -10.60 -5.03 -3.79
CA LEU A 193 -9.98 -6.29 -4.16
C LEU A 193 -10.94 -7.43 -4.54
N PRO A 194 -12.02 -7.67 -3.78
CA PRO A 194 -12.79 -8.90 -4.09
C PRO A 194 -13.45 -8.93 -5.46
N ALA A 195 -13.65 -7.79 -6.08
CA ALA A 195 -14.38 -7.71 -7.34
C ALA A 195 -13.46 -7.81 -8.56
N VAL A 196 -12.15 -7.75 -8.36
CA VAL A 196 -11.24 -7.51 -9.47
C VAL A 196 -11.12 -8.70 -10.42
N TYR A 197 -10.93 -9.90 -9.89
CA TYR A 197 -10.81 -11.09 -10.73
C TYR A 197 -12.03 -11.18 -11.65
N ASP A 198 -13.23 -11.03 -11.09
CA ASP A 198 -14.45 -11.14 -11.87
C ASP A 198 -14.57 -10.02 -12.90
N ALA A 199 -14.16 -8.82 -12.54
CA ALA A 199 -14.24 -7.69 -13.45
C ALA A 199 -13.36 -7.89 -14.68
N LEU A 200 -12.20 -8.52 -14.51
CA LEU A 200 -11.37 -8.89 -15.66
C LEU A 200 -12.01 -10.00 -16.47
N ALA A 201 -12.49 -11.02 -15.77
CA ALA A 201 -13.08 -12.18 -16.44
C ALA A 201 -14.27 -11.77 -17.29
N ASN A 202 -14.98 -10.71 -16.88
CA ASN A 202 -16.24 -10.33 -17.53
C ASN A 202 -16.24 -8.96 -18.24
N GLY A 203 -15.11 -8.27 -18.28
CA GLY A 203 -14.98 -7.05 -19.05
C GLY A 203 -15.39 -5.71 -18.43
N GLN A 204 -15.74 -5.68 -17.16
CA GLN A 204 -15.97 -4.44 -16.45
C GLN A 204 -14.68 -3.62 -16.44
N VAL A 205 -13.53 -4.30 -16.48
CA VAL A 205 -12.25 -3.62 -16.69
C VAL A 205 -11.44 -4.35 -17.73
N ASP A 206 -10.55 -3.58 -18.36
CA ASP A 206 -9.63 -4.04 -19.37
C ASP A 206 -8.23 -4.31 -18.82
N ALA A 207 -7.92 -3.71 -17.67
CA ALA A 207 -6.58 -3.75 -17.10
C ALA A 207 -6.70 -3.46 -15.63
N ILE A 208 -5.62 -3.73 -14.89
CA ILE A 208 -5.61 -3.48 -13.46
C ILE A 208 -4.25 -2.96 -13.01
N ASP A 209 -4.28 -2.18 -11.94
CA ASP A 209 -3.10 -1.78 -11.18
C ASP A 209 -3.11 -2.67 -9.93
N MSE A 210 -2.03 -3.40 -9.71
N MSE A 210 -2.03 -3.39 -9.71
CA MSE A 210 -1.95 -4.38 -8.62
CA MSE A 210 -1.96 -4.41 -8.66
C MSE A 210 -0.51 -4.84 -8.47
C MSE A 210 -0.48 -4.70 -8.41
O MSE A 210 0.29 -4.76 -9.42
O MSE A 210 0.38 -4.38 -9.22
CB MSE A 210 -2.86 -5.57 -8.90
CB MSE A 210 -2.71 -5.67 -9.11
CG MSE A 210 -3.02 -6.56 -7.75
CG MSE A 210 -2.94 -6.68 -8.00
SE MSE A 210 -4.34 -7.95 -8.16
SE MSE A 210 -4.22 -6.07 -6.69
CE MSE A 210 -5.94 -6.88 -7.92
CE MSE A 210 -5.81 -6.50 -7.68
H MSE A 210 -1.32 -3.37 -10.18
H MSE A 210 -1.30 -3.33 -10.17
HA MSE A 210 -2.25 -3.95 -7.79
HA MSE A 210 -2.37 -4.06 -7.84
HB2 MSE A 210 -3.75 -5.24 -9.13
HB2 MSE A 210 -3.58 -5.40 -9.45
HB3 MSE A 210 -2.50 -6.05 -9.66
HB3 MSE A 210 -2.19 -6.11 -9.80
HG2 MSE A 210 -2.17 -6.99 -7.59
HG2 MSE A 210 -3.29 -7.50 -8.40
HG3 MSE A 210 -3.32 -6.09 -6.96
HG3 MSE A 210 -2.11 -6.87 -7.55
HE1 MSE A 210 -6.71 -7.43 -8.09
HE1 MSE A 210 -6.58 -6.25 -7.16
HE2 MSE A 210 -5.96 -6.55 -7.02
HE2 MSE A 210 -5.80 -6.01 -8.51
HE3 MSE A 210 -5.92 -6.14 -8.53
HE3 MSE A 210 -5.82 -7.44 -7.85
N ASP A 211 -0.17 -5.33 -7.29
CA ASP A 211 1.18 -5.82 -7.02
C ASP A 211 1.28 -7.32 -7.29
N VAL A 212 2.50 -7.83 -7.28
CA VAL A 212 2.69 -9.23 -7.66
C VAL A 212 2.13 -10.22 -6.66
N GLU A 213 2.17 -9.91 -5.37
CA GLU A 213 1.59 -10.82 -4.39
C GLU A 213 0.12 -11.08 -4.70
N LEU A 214 -0.65 -10.02 -4.93
CA LEU A 214 -2.08 -10.18 -5.14
C LEU A 214 -2.40 -10.65 -6.55
N ILE A 215 -1.57 -10.35 -7.55
CA ILE A 215 -1.82 -10.93 -8.86
C ILE A 215 -1.75 -12.46 -8.72
N ASN A 216 -0.79 -12.95 -7.94
CA ASN A 216 -0.69 -14.37 -7.64
C ASN A 216 -1.87 -14.87 -6.79
N VAL A 217 -2.09 -14.27 -5.63
CA VAL A 217 -3.10 -14.78 -4.71
C VAL A 217 -4.53 -14.71 -5.28
N LEU A 218 -4.86 -13.60 -5.93
CA LEU A 218 -6.18 -13.42 -6.52
C LEU A 218 -6.29 -14.01 -7.91
N LYS A 219 -5.20 -14.51 -8.46
CA LYS A 219 -5.18 -15.23 -9.75
C LYS A 219 -5.61 -14.35 -10.92
N CYS A 220 -5.33 -13.06 -10.81
CA CYS A 220 -5.82 -12.12 -11.81
C CYS A 220 -5.12 -12.24 -13.16
N HIS A 221 -4.01 -12.96 -13.21
CA HIS A 221 -3.33 -13.23 -14.46
C HIS A 221 -4.13 -14.14 -15.36
N GLU A 222 -5.10 -14.88 -14.83
CA GLU A 222 -5.80 -15.88 -15.63
C GLU A 222 -6.48 -15.32 -16.87
N HIS A 223 -7.02 -14.11 -16.78
CA HIS A 223 -7.76 -13.52 -17.89
C HIS A 223 -6.94 -12.42 -18.60
N ALA A 224 -5.76 -12.11 -18.09
CA ALA A 224 -4.94 -11.09 -18.71
C ALA A 224 -4.12 -11.66 -19.85
N ASP A 225 -3.60 -10.79 -20.70
N ASP A 225 -3.70 -10.76 -20.75
CA ASP A 225 -2.70 -11.22 -21.74
CA ASP A 225 -2.80 -11.03 -21.87
C ASP A 225 -1.30 -10.66 -21.59
C ASP A 225 -1.35 -10.72 -21.47
N THR A 226 -1.16 -9.55 -20.86
CA THR A 226 0.16 -8.96 -20.64
C THR A 226 0.33 -8.56 -19.19
N ILE A 227 1.49 -8.89 -18.66
CA ILE A 227 1.90 -8.51 -17.32
C ILE A 227 3.09 -7.55 -17.50
N LEU A 228 2.93 -6.35 -16.96
N LEU A 228 2.90 -6.29 -17.10
CA LEU A 228 3.89 -5.28 -17.14
CA LEU A 228 3.95 -5.29 -17.13
C LEU A 228 4.53 -4.92 -15.80
C LEU A 228 4.49 -5.07 -15.73
N ILE A 229 5.75 -5.38 -15.57
CA ILE A 229 6.45 -5.15 -14.32
C ILE A 229 7.12 -3.79 -14.45
N SER A 230 6.37 -2.79 -14.02
CA SER A 230 6.75 -1.39 -14.10
C SER A 230 7.32 -0.84 -12.79
N ASN A 231 6.92 -1.42 -11.66
CA ASN A 231 7.36 -0.92 -10.36
C ASN A 231 7.19 0.59 -10.25
N HIS A 232 6.04 1.11 -10.67
CA HIS A 232 5.94 2.55 -10.88
C HIS A 232 5.66 3.35 -9.62
N MSE A 233 5.22 2.70 -8.55
CA MSE A 233 4.86 3.39 -7.32
C MSE A 233 5.03 2.43 -6.17
O MSE A 233 4.86 1.22 -6.33
CB MSE A 233 3.38 3.77 -7.44
CG MSE A 233 2.76 4.77 -6.48
SE MSE A 233 0.98 5.27 -7.00
CE MSE A 233 1.27 6.66 -8.40
H MSE A 233 5.11 1.85 -8.51
HA MSE A 233 5.40 4.20 -7.20
HB2 MSE A 233 3.25 4.12 -8.34
HB3 MSE A 233 2.87 2.95 -7.35
HG2 MSE A 233 2.72 4.37 -5.59
HG3 MSE A 233 3.30 5.57 -6.47
HE1 MSE A 233 0.42 6.97 -8.71
HE2 MSE A 233 1.76 7.40 -8.01
HE3 MSE A 233 1.77 6.27 -9.12
N MSE A 234 5.35 2.95 -5.00
CA MSE A 234 5.34 2.10 -3.81
C MSE A 234 3.94 2.08 -3.20
O MSE A 234 3.03 2.78 -3.66
CB MSE A 234 6.40 2.47 -2.79
CG MSE A 234 6.12 3.77 -2.08
SE MSE A 234 7.41 4.20 -0.68
CE MSE A 234 8.55 4.74 -1.94
H MSE A 234 5.59 3.77 -4.86
HA MSE A 234 5.55 1.18 -4.10
HB2 MSE A 234 6.46 1.78 -2.12
HB3 MSE A 234 7.25 2.57 -3.25
HG2 MSE A 234 6.12 4.49 -2.71
HG3 MSE A 234 5.25 3.70 -1.66
HE1 MSE A 234 9.36 5.03 -1.52
HE2 MSE A 234 8.73 4.00 -2.52
HE3 MSE A 234 8.15 5.46 -2.43
N PHE A 235 3.75 1.27 -2.17
CA PHE A 235 2.43 1.09 -1.61
C PHE A 235 2.55 0.86 -0.10
N PRO A 236 2.72 1.95 0.65
CA PRO A 236 2.94 1.78 2.09
C PRO A 236 1.71 1.35 2.86
N MSE A 237 2.00 0.79 4.03
CA MSE A 237 0.99 0.38 5.01
C MSE A 237 1.30 1.08 6.31
O MSE A 237 2.45 1.42 6.58
CB MSE A 237 1.05 -1.13 5.19
CG MSE A 237 0.00 -1.71 6.11
SE MSE A 237 0.57 -1.98 7.93
CE MSE A 237 1.45 -3.68 7.65
H MSE A 237 2.79 0.64 4.30
HA MSE A 237 0.09 0.63 4.70
HB2 MSE A 237 0.96 -1.55 4.32
HB3 MSE A 237 1.92 -1.35 5.56
HG2 MSE A 237 -0.76 -1.11 6.12
HG3 MSE A 237 -0.27 -2.57 5.76
HE1 MSE A 237 1.81 -3.98 8.48
HE2 MSE A 237 0.81 -4.30 7.32
HE3 MSE A 237 2.15 -3.55 7.01
N VAL A 238 0.28 1.33 7.13
CA VAL A 238 0.51 1.92 8.44
C VAL A 238 -0.29 1.17 9.49
N GLY A 239 0.36 0.91 10.62
CA GLY A 239 -0.32 0.34 11.76
C GLY A 239 -0.96 1.46 12.57
N LEU A 240 -2.27 1.37 12.74
CA LEU A 240 -3.06 2.42 13.39
C LEU A 240 -3.71 1.92 14.66
N ILE A 241 -3.69 2.79 15.67
CA ILE A 241 -4.49 2.63 16.88
C ILE A 241 -5.39 3.84 16.97
N SER A 242 -6.68 3.62 17.17
CA SER A 242 -7.59 4.74 17.42
C SER A 242 -7.03 5.67 18.49
N ALA A 243 -6.99 6.98 18.26
CA ALA A 243 -6.45 7.88 19.26
C ALA A 243 -7.29 7.85 20.53
N ARG A 244 -8.60 7.73 20.40
CA ARG A 244 -9.49 7.66 21.54
C ARG A 244 -9.16 6.43 22.38
N VAL A 245 -8.91 5.30 21.73
CA VAL A 245 -8.60 4.07 22.45
C VAL A 245 -7.21 4.18 23.07
N TYR A 246 -6.25 4.71 22.34
CA TYR A 246 -4.89 4.87 22.83
C TYR A 246 -4.88 5.72 24.09
N ALA A 247 -5.67 6.80 24.09
CA ALA A 247 -5.76 7.68 25.26
C ALA A 247 -6.31 6.98 26.49
N GLY A 248 -7.08 5.92 26.31
CA GLY A 248 -7.60 5.15 27.43
C GLY A 248 -6.66 4.10 27.96
N MSE A 249 -5.54 3.86 27.27
CA MSE A 249 -4.57 2.86 27.72
C MSE A 249 -3.72 3.42 28.86
O MSE A 249 -3.50 4.61 28.94
CB MSE A 249 -3.63 2.51 26.59
CG MSE A 249 -4.27 1.77 25.44
SE MSE A 249 -2.96 1.48 24.03
CE MSE A 249 -4.07 0.49 22.81
H MSE A 249 -5.32 4.26 26.55
HA MSE A 249 -5.04 2.05 28.02
HB2 MSE A 249 -3.24 3.32 26.24
HB3 MSE A 249 -2.92 1.93 26.95
HG2 MSE A 249 -4.59 0.90 25.75
HG3 MSE A 249 -4.99 2.30 25.08
HE1 MSE A 249 -3.55 0.26 22.03
HE2 MSE A 249 -4.37 -0.31 23.24
HE3 MSE A 249 -4.81 1.03 22.56
N SER A 250 -3.22 2.53 29.70
CA SER A 250 -2.24 2.94 30.69
C SER A 250 -0.97 3.40 29.99
N ASP A 251 -0.15 4.16 30.69
CA ASP A 251 1.09 4.63 30.09
C ASP A 251 1.97 3.44 29.66
N ALA A 252 2.03 2.40 30.49
CA ALA A 252 2.85 1.24 30.17
C ALA A 252 2.33 0.57 28.90
N ASP A 253 1.02 0.47 28.78
CA ASP A 253 0.44 -0.17 27.62
C ASP A 253 0.56 0.67 26.36
N LYS A 254 0.46 1.99 26.46
CA LYS A 254 0.69 2.83 25.30
C LYS A 254 2.03 2.47 24.69
N ALA A 255 3.05 2.38 25.54
CA ALA A 255 4.41 2.14 25.08
C ALA A 255 4.56 0.72 24.56
N MSE A 256 4.09 -0.26 25.32
CA MSE A 256 4.28 -1.64 24.97
C MSE A 256 3.51 -2.00 23.69
O MSE A 256 4.05 -2.65 22.79
CB MSE A 256 3.88 -2.56 26.12
CG MSE A 256 4.18 -4.00 25.87
SE MSE A 256 2.76 -4.90 24.92
CE MSE A 256 1.49 -5.07 26.39
H MSE A 256 3.66 -0.14 26.07
HA MSE A 256 5.23 -1.79 24.79
HB2 MSE A 256 4.37 -2.28 26.92
HB3 MSE A 256 2.93 -2.47 26.27
HG2 MSE A 256 4.98 -4.07 25.34
HG3 MSE A 256 4.30 -4.45 26.72
HE1 MSE A 256 0.70 -5.51 26.08
HE2 MSE A 256 1.89 -5.59 27.10
HE3 MSE A 256 1.26 -4.20 26.71
N ILE A 257 2.26 -1.59 23.61
CA ILE A 257 1.44 -1.97 22.48
C ILE A 257 1.89 -1.23 21.22
N SER A 258 2.24 0.05 21.32
CA SER A 258 2.70 0.75 20.14
C SER A 258 4.03 0.16 19.63
N GLU A 259 4.93 -0.19 20.54
CA GLU A 259 6.21 -0.72 20.12
C GLU A 259 6.03 -2.09 19.49
N LEU A 260 5.18 -2.93 20.07
CA LEU A 260 4.94 -4.24 19.53
C LEU A 260 4.30 -4.15 18.15
N MSE A 261 3.33 -3.27 18.02
CA MSE A 261 2.68 -3.11 16.74
C MSE A 261 3.69 -2.61 15.70
O MSE A 261 3.70 -3.09 14.57
CB MSE A 261 1.49 -2.16 16.82
CG MSE A 261 0.67 -2.19 15.54
SE MSE A 261 -0.73 -0.87 15.45
CE MSE A 261 -2.16 -1.96 16.14
H MSE A 261 3.03 -2.75 18.64
HA MSE A 261 2.34 -3.99 16.45
HB2 MSE A 261 0.92 -2.41 17.56
HB3 MSE A 261 1.82 -1.25 16.94
HG2 MSE A 261 1.26 -2.05 14.79
HG3 MSE A 261 0.25 -3.07 15.48
HE1 MSE A 261 -2.97 -1.44 16.17
HE2 MSE A 261 -2.28 -2.72 15.57
HE3 MSE A 261 -1.93 -2.26 17.04
N ALA A 262 4.51 -1.66 16.09
CA ALA A 262 5.54 -1.13 15.19
C ALA A 262 6.46 -2.25 14.70
N LYS A 263 6.84 -3.16 15.59
CA LYS A 263 7.70 -4.27 15.21
C LYS A 263 7.03 -5.14 14.15
N HIS A 264 5.77 -5.45 14.34
CA HIS A 264 5.08 -6.30 13.38
C HIS A 264 4.81 -5.61 12.07
N VAL A 265 4.51 -4.33 12.09
CA VAL A 265 4.37 -3.60 10.85
C VAL A 265 5.70 -3.54 10.10
N ASP A 266 6.77 -3.25 10.82
CA ASP A 266 8.07 -3.18 10.19
C ASP A 266 8.45 -4.53 9.58
N SER A 267 8.05 -5.63 10.21
CA SER A 267 8.41 -6.96 9.73
C SER A 267 7.93 -7.17 8.30
N THR A 268 6.83 -6.54 7.94
CA THR A 268 6.33 -6.74 6.58
C THR A 268 7.33 -6.25 5.54
N LEU A 269 8.10 -5.21 5.85
CA LEU A 269 9.07 -4.72 4.88
C LEU A 269 10.05 -5.81 4.51
N ASP A 270 10.49 -6.59 5.48
CA ASP A 270 11.44 -7.65 5.18
C ASP A 270 10.82 -8.79 4.39
N VAL A 271 9.53 -9.05 4.59
CA VAL A 271 8.87 -10.03 3.75
C VAL A 271 8.87 -9.58 2.30
N TYR A 272 8.47 -8.35 2.02
CA TYR A 272 8.46 -7.90 0.63
C TYR A 272 9.86 -7.80 0.04
N MSE A 273 10.85 -7.44 0.84
CA MSE A 273 12.22 -7.37 0.33
C MSE A 273 12.66 -8.74 -0.19
O MSE A 273 13.39 -8.84 -1.19
CB MSE A 273 13.17 -6.86 1.43
CG MSE A 273 12.97 -5.37 1.74
SE MSE A 273 13.69 -4.83 3.50
CE MSE A 273 15.24 -5.90 3.29
H MSE A 273 10.76 -7.22 1.67
HA MSE A 273 12.25 -6.73 -0.41
HB2 MSE A 273 13.01 -7.36 2.24
HB3 MSE A 273 14.08 -6.99 1.14
HG2 MSE A 273 13.43 -4.84 1.06
HG3 MSE A 273 12.02 -5.17 1.73
HE1 MSE A 273 15.80 -5.80 4.08
HE2 MSE A 273 14.98 -6.81 3.20
HE3 MSE A 273 15.72 -5.61 2.51
N VAL A 274 12.23 -9.80 0.46
CA VAL A 274 12.59 -11.15 0.07
C VAL A 274 11.67 -11.67 -1.04
N LYS A 275 10.36 -11.51 -0.86
CA LYS A 275 9.39 -12.19 -1.70
C LYS A 275 9.06 -11.48 -3.00
N GLU A 276 9.26 -10.18 -3.10
CA GLU A 276 8.89 -9.49 -4.30
C GLU A 276 9.46 -10.13 -5.57
N PRO A 277 10.77 -10.41 -5.63
CA PRO A 277 11.26 -11.03 -6.87
C PRO A 277 10.80 -12.47 -7.05
N GLU A 278 10.41 -13.12 -5.97
CA GLU A 278 9.95 -14.50 -6.02
C GLU A 278 8.53 -14.56 -6.61
N TRP A 279 7.64 -13.73 -6.11
CA TRP A 279 6.30 -13.58 -6.71
C TRP A 279 6.39 -13.11 -8.14
N THR A 280 7.36 -12.25 -8.44
CA THR A 280 7.50 -11.76 -9.80
C THR A 280 7.93 -12.90 -10.72
N ASP A 281 8.90 -13.70 -10.30
CA ASP A 281 9.31 -14.81 -11.14
C ASP A 281 8.18 -15.83 -11.31
N ALA A 282 7.35 -16.02 -10.29
CA ALA A 282 6.22 -16.92 -10.43
C ALA A 282 5.32 -16.49 -11.60
N LEU A 283 5.22 -15.20 -11.84
CA LEU A 283 4.37 -14.69 -12.92
C LEU A 283 4.98 -14.82 -14.30
N THR A 284 6.20 -15.34 -14.39
CA THR A 284 6.75 -15.74 -15.67
C THR A 284 6.32 -17.17 -16.02
N LYS A 285 5.60 -17.83 -15.12
CA LYS A 285 5.22 -19.24 -15.30
C LYS A 285 3.71 -19.41 -15.39
N VAL A 286 3.02 -18.39 -15.88
CA VAL A 286 1.58 -18.46 -16.04
C VAL A 286 1.16 -18.29 -17.50
N GLY A 287 2.12 -18.40 -18.43
CA GLY A 287 1.79 -18.49 -19.85
C GLY A 287 1.36 -17.19 -20.49
N LYS A 288 1.74 -16.07 -19.92
CA LYS A 288 1.34 -14.78 -20.46
C LYS A 288 2.51 -13.96 -20.97
N THR A 289 2.23 -12.93 -21.73
CA THR A 289 3.28 -12.03 -22.18
C THR A 289 3.76 -11.26 -20.96
N PHE A 290 5.05 -11.29 -20.69
CA PHE A 290 5.61 -10.72 -19.46
C PHE A 290 6.71 -9.78 -19.88
N LYS A 291 6.65 -8.53 -19.45
CA LYS A 291 7.67 -7.56 -19.80
C LYS A 291 7.97 -6.61 -18.67
N ARG A 292 9.25 -6.26 -18.53
N ARG A 292 9.24 -6.24 -18.54
CA ARG A 292 9.70 -5.28 -17.57
CA ARG A 292 9.69 -5.23 -17.62
C ARG A 292 9.88 -3.93 -18.28
C ARG A 292 9.82 -3.92 -18.34
N VAL A 293 9.34 -2.86 -17.71
CA VAL A 293 9.48 -1.53 -18.27
C VAL A 293 9.98 -0.58 -17.20
N ASP A 294 10.50 0.56 -17.63
CA ASP A 294 11.01 1.53 -16.69
C ASP A 294 10.29 2.85 -16.85
N GLN A 295 10.76 3.84 -16.12
CA GLN A 295 10.09 5.11 -16.02
C GLN A 295 9.86 5.77 -17.38
N SER A 296 10.77 5.58 -18.32
CA SER A 296 10.63 6.24 -19.61
C SER A 296 9.35 5.80 -20.33
N PHE A 297 8.87 4.61 -20.02
CA PHE A 297 7.66 4.07 -20.62
C PHE A 297 6.48 5.02 -20.45
N PHE A 298 6.44 5.75 -19.34
CA PHE A 298 5.27 6.55 -18.98
C PHE A 298 5.30 7.98 -19.50
N GLY A 299 6.33 8.35 -20.24
CA GLY A 299 6.32 9.64 -20.90
C GLY A 299 6.11 10.79 -19.93
N ASP A 300 5.24 11.73 -20.29
CA ASP A 300 5.09 12.95 -19.51
C ASP A 300 4.13 12.80 -18.34
N ALA A 301 3.67 11.58 -18.06
CA ALA A 301 2.70 11.40 -16.98
C ALA A 301 3.30 11.68 -15.62
N ILE A 302 4.58 11.34 -15.46
CA ILE A 302 5.24 11.54 -14.20
C ILE A 302 5.38 13.04 -13.90
N ALA A 303 5.78 13.82 -14.88
CA ALA A 303 5.89 15.26 -14.73
C ALA A 303 4.54 15.86 -14.40
N GLN A 304 3.48 15.43 -15.09
CA GLN A 304 2.15 15.93 -14.81
C GLN A 304 1.75 15.63 -13.38
N TRP A 305 2.10 14.45 -12.89
CA TRP A 305 1.77 14.08 -11.52
C TRP A 305 2.42 15.03 -10.53
N GLU A 306 3.68 15.35 -10.77
CA GLU A 306 4.40 16.28 -9.91
C GLU A 306 3.70 17.63 -9.86
N THR A 307 3.25 18.13 -11.01
CA THR A 307 2.55 19.41 -11.02
C THR A 307 1.26 19.34 -10.22
N ILE A 308 0.54 18.24 -10.32
CA ILE A 308 -0.70 18.09 -9.55
C ILE A 308 -0.39 18.11 -8.06
N TRP A 309 0.63 17.38 -7.64
CA TRP A 309 0.85 17.11 -6.21
C TRP A 309 1.73 18.13 -5.49
N ALA A 310 2.35 19.04 -6.22
CA ALA A 310 3.27 20.03 -5.64
C ALA A 310 2.62 20.79 -4.49
N ASP A 311 1.38 21.23 -4.63
CA ASP A 311 0.80 22.00 -3.53
C ASP A 311 -0.22 21.19 -2.74
N LYS A 312 -0.21 19.88 -2.89
N LYS A 312 -0.22 19.87 -2.89
CA LYS A 312 -1.07 19.00 -2.10
CA LYS A 312 -1.08 19.00 -2.11
C LYS A 312 -0.28 18.32 -1.00
C LYS A 312 -0.29 18.26 -1.04
N ALA A 313 0.98 17.99 -1.29
CA ALA A 313 1.81 17.21 -0.37
C ALA A 313 3.12 17.92 -0.10
N PRO A 314 3.13 18.82 0.88
CA PRO A 314 4.31 19.63 1.14
C PRO A 314 5.57 18.83 1.50
N SER A 315 5.45 17.59 1.96
CA SER A 315 6.62 16.81 2.31
C SER A 315 7.35 16.26 1.09
N LEU A 316 6.80 16.41 -0.12
CA LEU A 316 7.43 15.73 -1.24
C LEU A 316 8.91 16.13 -1.49
N PRO A 317 9.25 17.43 -1.46
CA PRO A 317 10.66 17.73 -1.73
C PRO A 317 11.62 17.08 -0.75
N GLU A 318 11.28 17.08 0.54
CA GLU A 318 12.16 16.46 1.52
C GLU A 318 12.20 14.94 1.34
N LEU A 319 11.07 14.32 1.01
CA LEU A 319 11.05 12.89 0.77
C LEU A 319 11.89 12.54 -0.46
N ARG A 320 11.83 13.36 -1.50
CA ARG A 320 12.64 13.11 -2.69
C ARG A 320 14.12 13.20 -2.32
N LYS A 321 14.48 14.16 -1.48
CA LYS A 321 15.87 14.31 -1.06
C LYS A 321 16.32 13.10 -0.24
N THR A 322 15.47 12.65 0.66
CA THR A 322 15.78 11.48 1.46
C THR A 322 15.98 10.25 0.59
N ALA A 323 15.07 10.06 -0.37
CA ALA A 323 15.17 8.93 -1.28
C ALA A 323 16.45 8.98 -2.09
N ALA A 324 16.81 10.16 -2.59
CA ALA A 324 18.01 10.32 -3.40
C ALA A 324 19.24 10.04 -2.57
N ASP A 325 19.27 10.50 -1.33
CA ASP A 325 20.43 10.28 -0.48
C ASP A 325 20.61 8.79 -0.14
N LEU A 326 19.52 8.08 0.14
CA LEU A 326 19.62 6.66 0.44
C LEU A 326 20.23 5.91 -0.72
N GLN A 327 19.82 6.27 -1.92
CA GLN A 327 20.35 5.62 -3.11
C GLN A 327 21.82 5.97 -3.35
N ALA A 328 22.16 7.25 -3.22
CA ALA A 328 23.52 7.70 -3.49
C ALA A 328 24.52 7.08 -2.52
N GLU A 329 24.07 6.83 -1.30
CA GLU A 329 24.94 6.30 -0.25
C GLU A 329 24.86 4.76 -0.15
N ASN A 330 24.06 4.16 -1.02
CA ASN A 330 23.92 2.70 -1.04
C ASN A 330 23.51 2.11 0.31
N LEU A 331 22.45 2.67 0.88
CA LEU A 331 22.03 2.32 2.24
C LEU A 331 20.90 1.30 2.25
N TYR A 332 20.94 0.39 1.29
CA TYR A 332 20.02 -0.74 1.27
C TYR A 332 20.57 -1.77 0.29
N PHE A 333 19.95 -2.93 0.28
CA PHE A 333 20.40 -4.04 -0.55
C PHE A 333 20.04 -3.76 -2.01
N GLN A 334 21.04 -3.75 -2.89
CA GLN A 334 20.86 -3.46 -4.31
C GLN A 334 22.07 -3.94 -5.07
C BEZ B . -4.82 -2.80 -3.51
O1 BEZ B . -4.29 -3.05 -4.63
O2 BEZ B . -5.85 -2.09 -3.42
C1 BEZ B . -4.19 -3.33 -2.25
C2 BEZ B . -4.81 -3.13 -1.03
C3 BEZ B . -4.22 -3.61 0.14
C4 BEZ B . -3.00 -4.28 0.08
C5 BEZ B . -2.38 -4.48 -1.13
C6 BEZ B . -2.98 -4.01 -2.30
H2 BEZ B . -5.79 -2.67 -0.99
H3 BEZ B . -4.70 -3.45 1.09
H4 BEZ B . -2.55 -4.65 0.98
H5 BEZ B . -1.35 -4.84 -1.17
H6 BEZ B . -2.50 -4.18 -3.26
#